data_4Q8L
#
_entry.id   4Q8L
#
_cell.length_a   66.738
_cell.length_b   66.738
_cell.length_c   419.881
_cell.angle_alpha   90.00
_cell.angle_beta   90.00
_cell.angle_gamma   120.00
#
_symmetry.space_group_name_H-M   'P 61 2 2'
#
loop_
_entity.id
_entity.type
_entity.pdbx_description
1 polymer Alginase
2 non-polymer 'CALCIUM ION'
3 water water
#
_entity_poly.entity_id   1
_entity_poly.type   'polypeptide(L)'
_entity_poly.pdbx_seq_one_letter_code
;TIPSSITSGSIFDLEGDNPNPLVDDSTLVFVPLEAQHITPNGNGWRHEYKVKESLRVAMTQTYEVFEATVKVEMSDGGKT
IISQHHASDTGTISKVYVSDTDESGFNDSVANNGIFDVYVRLRNTSGNEEKFALGTMTSGETFNLRVVNNYGDVEVTAFG
NSFGIPVEDDSQSYFKFGNYLQSQDPYTLDKCGEAGNSNSFKNCFEDLGITESKVTMTNVSYTRETN
;
_entity_poly.pdbx_strand_id   A,B
#
# COMPACT_ATOMS: atom_id res chain seq x y z
N THR A 1 22.39 -14.81 2.71
CA THR A 1 22.54 -15.24 4.10
C THR A 1 21.79 -14.29 5.06
N ILE A 2 21.35 -14.83 6.19
CA ILE A 2 20.74 -14.03 7.23
C ILE A 2 21.74 -12.97 7.71
N PRO A 3 21.28 -11.71 7.85
CA PRO A 3 22.19 -10.63 8.26
C PRO A 3 22.62 -10.70 9.73
N SER A 4 23.77 -10.10 9.98
CA SER A 4 24.39 -10.07 11.30
C SER A 4 23.49 -9.43 12.34
N SER A 5 22.66 -8.48 11.92
CA SER A 5 21.75 -7.81 12.85
C SER A 5 20.96 -8.84 13.65
N ILE A 6 20.70 -9.98 12.99
CA ILE A 6 19.98 -11.10 13.58
C ILE A 6 20.95 -12.17 14.13
N THR A 7 21.90 -12.59 13.30
CA THR A 7 22.74 -13.73 13.67
C THR A 7 23.71 -13.43 14.81
N SER A 8 24.09 -12.17 14.97
CA SER A 8 24.98 -11.84 16.07
C SER A 8 24.21 -11.11 17.18
N GLY A 9 22.92 -10.90 16.95
CA GLY A 9 22.10 -10.13 17.87
C GLY A 9 22.48 -8.66 18.03
N SER A 10 23.12 -8.07 17.02
CA SER A 10 23.52 -6.66 17.14
C SER A 10 22.30 -5.74 17.24
N ILE A 11 21.23 -6.07 16.50
CA ILE A 11 19.97 -5.33 16.58
C ILE A 11 18.90 -6.10 17.37
N PHE A 12 18.78 -7.40 17.07
CA PHE A 12 17.67 -8.20 17.59
C PHE A 12 18.07 -9.17 18.69
N ASP A 13 17.36 -9.08 19.82
CA ASP A 13 17.40 -10.11 20.84
C ASP A 13 16.60 -11.30 20.32
N LEU A 14 17.04 -12.51 20.66
CA LEU A 14 16.26 -13.71 20.39
C LEU A 14 15.22 -13.93 21.49
N GLU A 15 13.95 -14.02 21.10
CA GLU A 15 12.89 -14.38 22.05
C GLU A 15 12.51 -15.84 21.89
N GLY A 16 13.07 -16.69 22.75
CA GLY A 16 12.85 -18.13 22.64
C GLY A 16 14.12 -18.81 22.18
N ASP A 17 14.98 -19.16 23.14
CA ASP A 17 16.35 -19.58 22.84
C ASP A 17 16.46 -21.02 22.37
N ASN A 18 15.48 -21.84 22.74
CA ASN A 18 15.54 -23.27 22.47
C ASN A 18 14.25 -23.77 21.80
N PRO A 19 14.35 -24.21 20.53
CA PRO A 19 15.60 -24.24 19.76
C PRO A 19 15.91 -22.89 19.13
N ASN A 20 17.13 -22.73 18.62
CA ASN A 20 17.56 -21.51 17.96
C ASN A 20 16.96 -21.46 16.54
N PRO A 21 16.36 -20.33 16.15
CA PRO A 21 15.74 -20.29 14.81
C PRO A 21 16.74 -20.41 13.67
N LEU A 22 18.01 -20.07 13.91
CA LEU A 22 19.00 -20.10 12.84
C LEU A 22 19.52 -21.52 12.61
N VAL A 23 18.87 -22.25 11.71
CA VAL A 23 19.19 -23.66 11.48
C VAL A 23 20.33 -23.84 10.46
N ASP A 24 20.55 -22.83 9.63
CA ASP A 24 21.76 -22.72 8.82
C ASP A 24 21.98 -21.25 8.53
N ASP A 25 22.97 -20.94 7.70
CA ASP A 25 23.35 -19.55 7.49
C ASP A 25 22.32 -18.73 6.70
N SER A 26 21.28 -19.39 6.21
CA SER A 26 20.34 -18.74 5.31
C SER A 26 18.88 -18.97 5.68
N THR A 27 18.63 -19.53 6.85
CA THR A 27 17.27 -19.97 7.18
C THR A 27 16.93 -19.78 8.65
N LEU A 28 15.74 -19.22 8.88
CA LEU A 28 15.21 -19.07 10.24
C LEU A 28 13.95 -19.92 10.37
N VAL A 29 13.92 -20.79 11.37
CA VAL A 29 12.75 -21.62 11.62
C VAL A 29 12.15 -21.29 12.98
N PHE A 30 10.92 -20.82 12.97
CA PHE A 30 10.25 -20.38 14.19
C PHE A 30 9.18 -21.39 14.62
N VAL A 31 9.38 -21.99 15.80
CA VAL A 31 8.51 -23.05 16.29
C VAL A 31 8.09 -22.83 17.74
N PRO A 32 7.06 -22.02 17.95
CA PRO A 32 6.63 -21.65 19.31
C PRO A 32 6.06 -22.81 20.13
N LEU A 33 5.56 -23.86 19.47
CA LEU A 33 5.10 -25.03 20.20
C LEU A 33 6.27 -25.78 20.85
N GLU A 34 7.48 -25.49 20.36
CA GLU A 34 8.70 -26.01 20.96
C GLU A 34 9.35 -24.98 21.88
N ALA A 35 9.44 -23.74 21.39
CA ALA A 35 10.07 -22.69 22.19
C ALA A 35 9.27 -22.39 23.46
N GLN A 36 7.94 -22.43 23.33
CA GLN A 36 7.02 -22.22 24.46
C GLN A 36 7.34 -20.96 25.27
N HIS A 37 7.66 -19.88 24.56
CA HIS A 37 8.11 -18.64 25.19
C HIS A 37 6.99 -17.60 25.25
N ILE A 38 6.79 -16.98 26.41
CA ILE A 38 5.69 -16.04 26.59
C ILE A 38 6.15 -14.61 26.82
N THR A 39 5.20 -13.67 26.74
CA THR A 39 5.38 -12.34 27.28
C THR A 39 4.71 -12.26 28.65
N PRO A 40 5.00 -11.20 29.41
CA PRO A 40 4.39 -11.16 30.75
C PRO A 40 2.87 -10.93 30.71
N ASN A 41 2.36 -10.36 29.63
CA ASN A 41 0.94 -10.03 29.55
C ASN A 41 0.18 -10.51 28.29
N GLY A 42 0.79 -11.37 27.49
CA GLY A 42 0.16 -11.83 26.26
C GLY A 42 -0.61 -13.14 26.39
N ASN A 43 -1.23 -13.57 25.29
CA ASN A 43 -1.91 -14.86 25.28
C ASN A 43 -1.37 -15.73 24.16
N GLY A 44 -0.40 -16.57 24.49
CA GLY A 44 0.18 -17.47 23.52
C GLY A 44 1.66 -17.74 23.72
N TRP A 45 2.24 -18.44 22.76
CA TRP A 45 3.64 -18.82 22.79
C TRP A 45 4.27 -18.19 21.56
N ARG A 46 5.51 -17.75 21.69
CA ARG A 46 6.19 -17.13 20.55
C ARG A 46 7.59 -17.69 20.32
N HIS A 47 8.07 -17.50 19.11
CA HIS A 47 9.46 -17.74 18.77
C HIS A 47 9.72 -16.59 17.81
N GLU A 48 10.56 -15.64 18.20
CA GLU A 48 10.69 -14.43 17.40
C GLU A 48 11.94 -13.62 17.74
N TYR A 49 12.23 -12.62 16.91
CA TYR A 49 13.31 -11.68 17.16
C TYR A 49 12.71 -10.32 17.49
N LYS A 50 13.44 -9.55 18.29
CA LYS A 50 12.92 -8.32 18.88
C LYS A 50 14.02 -7.25 18.95
N VAL A 51 13.74 -6.08 18.41
CA VAL A 51 14.71 -4.98 18.50
C VAL A 51 15.01 -4.69 19.98
N LYS A 52 16.29 -4.73 20.36
CA LYS A 52 16.65 -4.57 21.77
C LYS A 52 16.29 -3.19 22.33
N GLU A 53 16.02 -3.14 23.62
CA GLU A 53 15.62 -1.90 24.30
C GLU A 53 16.60 -0.75 24.06
N SER A 54 17.89 -1.08 24.03
CA SER A 54 18.94 -0.06 23.97
C SER A 54 19.01 0.65 22.62
N LEU A 55 18.21 0.18 21.65
CA LEU A 55 18.20 0.82 20.33
C LEU A 55 16.92 1.61 20.05
N ARG A 56 15.93 1.46 20.92
CA ARG A 56 14.59 1.97 20.64
C ARG A 56 14.46 3.49 20.72
N VAL A 57 13.79 4.05 19.71
CA VAL A 57 13.39 5.46 19.71
C VAL A 57 11.93 5.53 19.22
N ALA A 58 11.40 6.74 18.99
CA ALA A 58 10.01 6.89 18.59
C ALA A 58 9.71 6.27 17.21
N MET A 59 8.47 5.89 16.96
CA MET A 59 8.08 5.48 15.61
C MET A 59 8.49 6.54 14.59
N THR A 60 8.20 7.80 14.91
CA THR A 60 8.48 8.88 13.98
C THR A 60 9.97 9.18 13.87
N GLN A 61 10.79 8.51 14.68
CA GLN A 61 12.22 8.74 14.66
C GLN A 61 12.95 7.59 13.98
N THR A 62 12.21 6.57 13.60
CA THR A 62 12.83 5.41 12.94
C THR A 62 12.43 5.25 11.47
N TYR A 63 13.41 4.91 10.66
CA TYR A 63 13.15 4.41 9.32
C TYR A 63 13.64 2.97 9.30
N GLU A 64 12.75 2.03 9.02
CA GLU A 64 13.15 0.65 8.95
C GLU A 64 12.41 -0.10 7.86
N VAL A 65 13.12 -1.03 7.22
CA VAL A 65 12.55 -1.89 6.18
C VAL A 65 12.92 -3.34 6.47
N PHE A 66 11.91 -4.15 6.74
CA PHE A 66 12.10 -5.59 6.94
C PHE A 66 11.50 -6.35 5.76
N GLU A 67 12.26 -7.28 5.22
CA GLU A 67 11.78 -8.12 4.11
C GLU A 67 12.16 -9.58 4.33
N ALA A 68 11.27 -10.48 3.95
CA ALA A 68 11.53 -11.90 4.07
C ALA A 68 10.64 -12.71 3.16
N THR A 69 11.16 -13.86 2.74
CA THR A 69 10.37 -14.90 2.12
C THR A 69 9.86 -15.80 3.25
N VAL A 70 8.55 -15.94 3.34
CA VAL A 70 7.92 -16.53 4.50
C VAL A 70 7.06 -17.73 4.12
N LYS A 71 7.41 -18.89 4.68
CA LYS A 71 6.60 -20.09 4.54
C LYS A 71 5.87 -20.33 5.85
N VAL A 72 4.56 -20.59 5.77
CA VAL A 72 3.79 -20.84 6.98
C VAL A 72 3.18 -22.24 6.98
N GLU A 73 3.48 -23.02 8.02
CA GLU A 73 2.82 -24.30 8.23
C GLU A 73 2.16 -24.26 9.59
N MET A 74 0.84 -24.46 9.60
CA MET A 74 0.05 -24.26 10.81
C MET A 74 -1.23 -25.06 10.80
N SER A 75 -1.64 -25.50 11.98
CA SER A 75 -2.89 -26.23 12.14
C SER A 75 -4.07 -25.38 11.69
N ASP A 76 -5.11 -26.05 11.19
CA ASP A 76 -6.39 -25.42 10.92
C ASP A 76 -6.85 -24.72 12.18
N GLY A 77 -7.45 -23.55 12.03
CA GLY A 77 -7.90 -22.76 13.17
C GLY A 77 -6.80 -21.98 13.87
N GLY A 78 -5.56 -22.16 13.45
CA GLY A 78 -4.45 -21.44 14.05
C GLY A 78 -4.40 -19.95 13.70
N LYS A 79 -3.78 -19.17 14.58
CA LYS A 79 -3.64 -17.73 14.35
C LYS A 79 -2.30 -17.26 14.92
N THR A 80 -1.48 -16.65 14.07
CA THR A 80 -0.16 -16.19 14.50
C THR A 80 0.15 -14.79 14.00
N ILE A 81 1.04 -14.12 14.72
CA ILE A 81 1.54 -12.82 14.32
C ILE A 81 2.99 -13.01 13.86
N ILE A 82 3.27 -12.65 12.62
CA ILE A 82 4.59 -12.86 12.03
C ILE A 82 5.48 -11.60 12.07
N SER A 83 4.86 -10.45 12.31
CA SER A 83 5.65 -9.25 12.50
C SER A 83 4.78 -8.20 13.19
N GLN A 84 5.42 -7.32 13.97
CA GLN A 84 4.65 -6.37 14.75
C GLN A 84 5.51 -5.23 15.31
N HIS A 85 4.89 -4.06 15.42
CA HIS A 85 5.48 -2.94 16.15
C HIS A 85 4.74 -2.73 17.46
N HIS A 86 5.49 -2.56 18.54
CA HIS A 86 4.90 -2.23 19.84
C HIS A 86 5.43 -0.94 20.42
N ALA A 87 4.57 -0.27 21.19
CA ALA A 87 4.91 0.95 21.92
C ALA A 87 5.53 0.58 23.27
N SER A 88 6.09 1.58 23.95
CA SER A 88 6.85 1.36 25.18
C SER A 88 5.98 0.77 26.29
N ASP A 89 4.69 1.04 26.22
CA ASP A 89 3.78 0.51 27.23
C ASP A 89 3.21 -0.84 26.81
N THR A 90 3.78 -1.40 25.75
CA THR A 90 3.37 -2.71 25.24
C THR A 90 2.29 -2.61 24.17
N GLY A 91 1.62 -1.46 24.08
CA GLY A 91 0.55 -1.23 23.13
C GLY A 91 0.87 -1.55 21.67
N THR A 92 -0.12 -2.12 20.98
CA THR A 92 0.03 -2.51 19.59
C THR A 92 0.08 -1.30 18.65
N ILE A 93 1.02 -1.29 17.72
CA ILE A 93 1.11 -0.25 16.71
C ILE A 93 0.83 -0.84 15.33
N SER A 94 1.48 -1.96 15.03
CA SER A 94 1.20 -2.71 13.81
C SER A 94 1.26 -4.21 14.11
N LYS A 95 0.41 -4.99 13.44
CA LYS A 95 0.51 -6.45 13.53
C LYS A 95 0.15 -7.07 12.18
N VAL A 96 0.98 -8.02 11.74
CA VAL A 96 0.70 -8.79 10.54
C VAL A 96 0.34 -10.21 10.93
N TYR A 97 -0.85 -10.65 10.52
CA TYR A 97 -1.41 -11.92 10.96
C TYR A 97 -1.52 -12.95 9.83
N VAL A 98 -1.47 -14.23 10.21
CA VAL A 98 -1.88 -15.32 9.36
C VAL A 98 -2.85 -16.13 10.21
N SER A 99 -4.13 -16.13 9.83
CA SER A 99 -5.11 -16.76 10.71
C SER A 99 -6.30 -17.42 10.00
N ASP A 100 -6.84 -18.45 10.64
CA ASP A 100 -7.88 -19.28 10.04
C ASP A 100 -9.09 -19.19 10.97
N THR A 101 -9.59 -17.96 11.14
CA THR A 101 -10.70 -17.70 12.05
C THR A 101 -11.91 -17.19 11.27
N ASP A 102 -12.97 -16.87 12.01
CA ASP A 102 -14.16 -16.32 11.38
C ASP A 102 -14.37 -14.85 11.72
N GLU A 103 -13.30 -14.16 12.13
CA GLU A 103 -13.34 -12.70 12.20
C GLU A 103 -13.73 -12.22 10.80
N SER A 104 -14.71 -11.33 10.75
CA SER A 104 -15.23 -10.85 9.47
C SER A 104 -14.33 -9.78 8.84
N GLY A 105 -14.45 -9.59 7.53
CA GLY A 105 -13.77 -8.49 6.88
C GLY A 105 -12.59 -8.87 6.02
N PHE A 106 -12.26 -10.17 5.96
CA PHE A 106 -11.15 -10.61 5.12
C PHE A 106 -11.66 -11.39 3.91
N ASN A 107 -10.74 -11.88 3.09
CA ASN A 107 -11.10 -12.56 1.86
C ASN A 107 -11.79 -13.89 2.13
N ASP A 108 -11.30 -14.61 3.14
CA ASP A 108 -11.91 -15.89 3.49
C ASP A 108 -12.85 -15.74 4.69
N SER A 109 -12.28 -15.43 5.85
CA SER A 109 -13.06 -15.20 7.07
C SER A 109 -13.91 -16.40 7.51
N VAL A 110 -13.48 -17.60 7.14
CA VAL A 110 -14.19 -18.81 7.54
C VAL A 110 -13.35 -19.57 8.58
N ALA A 111 -13.89 -19.77 9.77
CA ALA A 111 -13.13 -20.48 10.81
C ALA A 111 -12.73 -21.90 10.40
N ASN A 112 -11.49 -22.26 10.68
CA ASN A 112 -11.09 -23.66 10.73
C ASN A 112 -11.28 -24.41 9.43
N ASN A 113 -11.03 -23.77 8.29
CA ASN A 113 -11.13 -24.46 7.02
C ASN A 113 -9.78 -24.59 6.31
N GLY A 114 -8.70 -24.26 7.01
CA GLY A 114 -7.36 -24.39 6.43
C GLY A 114 -7.00 -23.33 5.40
N ILE A 115 -7.88 -22.36 5.23
CA ILE A 115 -7.58 -21.23 4.35
C ILE A 115 -7.24 -20.05 5.25
N PHE A 116 -5.99 -19.62 5.25
CA PHE A 116 -5.57 -18.60 6.19
C PHE A 116 -5.70 -17.21 5.60
N ASP A 117 -6.36 -16.31 6.33
CA ASP A 117 -6.33 -14.91 5.96
C ASP A 117 -5.00 -14.32 6.36
N VAL A 118 -4.40 -13.54 5.48
CA VAL A 118 -3.22 -12.77 5.82
C VAL A 118 -3.61 -11.31 5.79
N TYR A 119 -3.48 -10.63 6.93
CA TYR A 119 -3.94 -9.27 7.03
C TYR A 119 -3.11 -8.45 8.00
N VAL A 120 -3.33 -7.15 8.01
CA VAL A 120 -2.55 -6.27 8.86
C VAL A 120 -3.48 -5.40 9.71
N ARG A 121 -3.10 -5.17 10.97
CA ARG A 121 -3.76 -4.16 11.78
C ARG A 121 -2.78 -3.03 12.03
N LEU A 122 -3.22 -1.80 11.80
CA LEU A 122 -2.38 -0.63 12.05
C LEU A 122 -3.14 0.36 12.91
N ARG A 123 -2.50 0.87 13.94
CA ARG A 123 -3.17 1.81 14.83
C ARG A 123 -3.01 3.22 14.31
N ASN A 124 -4.11 3.84 13.88
CA ASN A 124 -4.02 5.17 13.29
C ASN A 124 -3.69 6.25 14.32
N THR A 125 -3.50 7.48 13.85
CA THR A 125 -3.07 8.57 14.73
C THR A 125 -4.13 8.95 15.76
N SER A 126 -5.36 8.48 15.57
CA SER A 126 -6.42 8.76 16.53
C SER A 126 -6.50 7.67 17.60
N GLY A 127 -5.62 6.67 17.50
CA GLY A 127 -5.59 5.59 18.46
C GLY A 127 -6.45 4.39 18.09
N ASN A 128 -7.08 4.44 16.92
CA ASN A 128 -7.96 3.35 16.50
C ASN A 128 -7.28 2.43 15.49
N GLU A 129 -7.51 1.13 15.64
CA GLU A 129 -6.92 0.18 14.70
C GLU A 129 -7.72 0.09 13.41
N GLU A 130 -7.02 -0.01 12.30
CA GLU A 130 -7.63 -0.20 10.99
C GLU A 130 -7.07 -1.52 10.47
N LYS A 131 -7.90 -2.33 9.83
CA LYS A 131 -7.44 -3.61 9.34
C LYS A 131 -7.63 -3.74 7.83
N PHE A 132 -6.77 -4.52 7.20
CA PHE A 132 -6.78 -4.65 5.74
C PHE A 132 -6.30 -6.05 5.38
N ALA A 133 -7.07 -6.73 4.53
CA ALA A 133 -6.72 -8.06 4.09
C ALA A 133 -5.72 -7.92 2.96
N LEU A 134 -4.66 -8.71 3.02
CA LEU A 134 -3.59 -8.66 2.04
C LEU A 134 -3.68 -9.88 1.14
N GLY A 135 -4.28 -10.96 1.64
CA GLY A 135 -4.43 -12.16 0.85
C GLY A 135 -4.85 -13.38 1.64
N THR A 136 -4.76 -14.56 0.99
CA THR A 136 -5.01 -15.82 1.65
C THR A 136 -3.94 -16.85 1.25
N MET A 137 -3.77 -17.87 2.08
CA MET A 137 -2.83 -18.93 1.80
C MET A 137 -3.28 -20.20 2.50
N THR A 138 -2.71 -21.33 2.07
CA THR A 138 -2.91 -22.59 2.78
C THR A 138 -1.60 -22.95 3.44
N SER A 139 -1.67 -23.84 4.42
CA SER A 139 -0.49 -24.30 5.14
C SER A 139 0.53 -24.87 4.17
N GLY A 140 1.78 -24.47 4.31
CA GLY A 140 2.84 -24.98 3.45
C GLY A 140 3.17 -24.05 2.31
N GLU A 141 2.30 -23.07 2.04
CA GLU A 141 2.59 -22.08 1.02
C GLU A 141 3.59 -21.02 1.50
N THR A 142 4.22 -20.36 0.53
CA THR A 142 5.22 -19.33 0.79
C THR A 142 4.76 -18.01 0.16
N PHE A 143 5.07 -16.90 0.83
CA PHE A 143 4.86 -15.57 0.24
C PHE A 143 5.98 -14.61 0.63
N ASN A 144 6.08 -13.48 -0.08
CA ASN A 144 7.06 -12.46 0.28
C ASN A 144 6.44 -11.36 1.13
N LEU A 145 7.10 -11.02 2.24
CA LEU A 145 6.61 -10.00 3.15
C LEU A 145 7.54 -8.79 3.14
N ARG A 146 6.96 -7.58 3.13
CA ARG A 146 7.72 -6.36 3.37
C ARG A 146 6.99 -5.49 4.38
N VAL A 147 7.73 -5.05 5.39
CA VAL A 147 7.20 -4.12 6.37
C VAL A 147 8.07 -2.87 6.38
N VAL A 148 7.46 -1.74 6.06
CA VAL A 148 8.19 -0.49 6.06
C VAL A 148 7.63 0.43 7.13
N ASN A 149 8.51 0.93 7.99
CA ASN A 149 8.17 2.03 8.87
C ASN A 149 8.93 3.26 8.39
N ASN A 150 8.24 4.10 7.63
CA ASN A 150 8.85 5.33 7.13
C ASN A 150 8.57 6.49 8.09
N TYR A 151 9.36 6.56 9.15
CA TYR A 151 9.20 7.59 10.18
C TYR A 151 7.76 7.76 10.62
N GLY A 152 7.07 6.65 10.91
CA GLY A 152 5.71 6.71 11.41
C GLY A 152 4.64 6.44 10.36
N ASP A 153 5.05 6.41 9.10
CA ASP A 153 4.18 5.97 8.02
C ASP A 153 4.45 4.50 7.78
N VAL A 154 3.54 3.64 8.21
CA VAL A 154 3.78 2.20 8.15
C VAL A 154 3.07 1.53 6.97
N GLU A 155 3.82 0.78 6.19
CA GLU A 155 3.27 0.09 5.03
C GLU A 155 3.66 -1.38 5.02
N VAL A 156 2.70 -2.24 4.78
CA VAL A 156 2.93 -3.67 4.72
C VAL A 156 2.58 -4.21 3.35
N THR A 157 3.46 -5.03 2.78
CA THR A 157 3.23 -5.63 1.48
C THR A 157 3.34 -7.15 1.60
N ALA A 158 2.31 -7.85 1.14
CA ALA A 158 2.33 -9.31 1.05
C ALA A 158 1.58 -9.72 -0.21
N PHE A 159 2.09 -10.73 -0.91
CA PHE A 159 1.52 -11.17 -2.18
C PHE A 159 1.50 -10.02 -3.19
N GLY A 160 2.39 -9.05 -3.01
CA GLY A 160 2.41 -7.88 -3.86
C GLY A 160 1.28 -6.90 -3.58
N ASN A 161 0.48 -7.19 -2.56
CA ASN A 161 -0.59 -6.29 -2.11
C ASN A 161 -0.12 -5.41 -0.94
N SER A 162 -0.31 -4.11 -1.06
CA SER A 162 0.18 -3.15 -0.06
C SER A 162 -0.94 -2.36 0.60
N PHE A 163 -0.74 -2.05 1.88
CA PHE A 163 -1.63 -1.20 2.65
C PHE A 163 -0.76 -0.46 3.66
N GLY A 164 -1.04 0.82 3.86
CA GLY A 164 -0.25 1.60 4.81
C GLY A 164 -0.98 2.86 5.22
N ILE A 165 -0.72 3.31 6.45
CA ILE A 165 -1.24 4.57 6.96
C ILE A 165 -0.24 5.15 7.95
N PRO A 166 -0.39 6.43 8.28
CA PRO A 166 0.41 6.95 9.41
C PRO A 166 -0.13 6.38 10.72
N VAL A 167 0.77 5.99 11.62
CA VAL A 167 0.33 5.38 12.87
C VAL A 167 0.54 6.29 14.08
N GLU A 168 -0.18 5.98 15.16
CA GLU A 168 0.03 6.69 16.42
C GLU A 168 1.49 6.54 16.88
N ASP A 169 2.12 7.68 17.16
CA ASP A 169 3.51 7.70 17.58
C ASP A 169 3.68 7.25 19.03
N ASP A 170 4.87 6.74 19.35
CA ASP A 170 5.25 6.40 20.72
C ASP A 170 6.75 6.52 20.89
N SER A 171 7.19 6.80 22.11
CA SER A 171 8.57 7.24 22.40
C SER A 171 9.67 6.16 22.34
N GLN A 172 9.32 4.91 22.64
CA GLN A 172 10.30 3.83 22.64
C GLN A 172 9.74 2.60 21.95
N SER A 173 9.55 2.73 20.64
CA SER A 173 8.88 1.69 19.85
C SER A 173 9.86 0.60 19.44
N TYR A 174 9.34 -0.59 19.15
CA TYR A 174 10.19 -1.68 18.69
C TYR A 174 9.49 -2.67 17.77
N PHE A 175 10.27 -3.21 16.83
CA PHE A 175 9.80 -4.19 15.86
C PHE A 175 10.16 -5.61 16.27
N LYS A 176 9.24 -6.54 16.02
CA LYS A 176 9.47 -7.97 16.22
C LYS A 176 9.02 -8.71 14.96
N PHE A 177 9.62 -9.87 14.70
CA PHE A 177 9.16 -10.72 13.62
C PHE A 177 9.45 -12.17 13.97
N GLY A 178 8.66 -13.07 13.40
CA GLY A 178 8.82 -14.48 13.68
C GLY A 178 7.46 -15.16 13.70
N ASN A 179 7.15 -15.83 14.80
CA ASN A 179 5.95 -16.64 14.91
C ASN A 179 5.39 -16.55 16.33
N TYR A 180 4.48 -15.61 16.52
CA TYR A 180 3.83 -15.43 17.81
C TYR A 180 2.43 -16.03 17.72
N LEU A 181 2.35 -17.29 18.13
CA LEU A 181 1.15 -18.10 18.01
C LEU A 181 0.16 -17.67 19.08
N GLN A 182 -1.00 -17.20 18.66
CA GLN A 182 -1.98 -16.66 19.60
C GLN A 182 -2.90 -17.73 20.18
N SER A 183 -3.04 -17.73 21.51
CA SER A 183 -3.92 -18.67 22.19
C SER A 183 -5.34 -18.09 22.15
N GLN A 184 -6.10 -18.47 21.13
CA GLN A 184 -7.34 -17.78 20.83
C GLN A 184 -8.26 -18.71 20.05
N ASP A 185 -9.53 -18.72 20.43
CA ASP A 185 -10.52 -19.58 19.76
C ASP A 185 -10.90 -18.98 18.41
N PRO A 186 -10.79 -19.77 17.33
CA PRO A 186 -11.00 -19.27 15.97
C PRO A 186 -12.46 -19.01 15.64
N TYR A 187 -13.37 -19.41 16.52
CA TYR A 187 -14.81 -19.13 16.34
C TYR A 187 -15.25 -17.88 17.11
N THR A 188 -15.15 -17.92 18.43
CA THR A 188 -15.59 -16.82 19.28
C THR A 188 -14.55 -15.69 19.33
N LEU A 189 -13.32 -16.01 18.94
CA LEU A 189 -12.22 -15.05 18.96
C LEU A 189 -11.81 -14.67 20.39
N ASP A 190 -12.37 -15.36 21.37
CA ASP A 190 -11.96 -15.21 22.75
C ASP A 190 -10.54 -15.70 22.96
N LYS A 191 -9.74 -14.91 23.66
CA LYS A 191 -8.41 -15.37 24.06
C LYS A 191 -8.53 -16.45 25.14
N CYS A 192 -7.58 -17.36 25.14
CA CYS A 192 -7.62 -18.52 26.02
C CYS A 192 -6.38 -18.50 26.88
N GLY A 193 -6.47 -19.06 28.07
CA GLY A 193 -5.34 -19.14 28.98
C GLY A 193 -5.22 -17.93 29.88
N GLU A 194 -4.08 -17.82 30.56
CA GLU A 194 -3.84 -16.76 31.52
C GLU A 194 -2.49 -16.14 31.31
N ALA A 195 -2.45 -14.82 31.14
CA ALA A 195 -1.19 -14.12 30.91
C ALA A 195 -0.18 -14.47 31.99
N GLY A 196 1.07 -14.70 31.60
CA GLY A 196 2.13 -14.99 32.54
C GLY A 196 2.24 -16.46 32.92
N ASN A 197 1.28 -17.25 32.46
CA ASN A 197 1.22 -18.68 32.75
C ASN A 197 1.39 -19.53 31.50
N SER A 198 2.63 -19.94 31.24
CA SER A 198 2.92 -20.73 30.04
C SER A 198 2.11 -22.04 29.97
N ASN A 199 1.95 -22.72 31.11
CA ASN A 199 1.21 -23.98 31.12
C ASN A 199 -0.23 -23.85 30.66
N SER A 200 -0.84 -22.68 30.89
CA SER A 200 -2.21 -22.47 30.45
C SER A 200 -2.31 -22.49 28.93
N PHE A 201 -1.29 -21.98 28.25
CA PHE A 201 -1.30 -21.98 26.79
C PHE A 201 -1.08 -23.38 26.22
N LYS A 202 -0.28 -24.17 26.92
CA LYS A 202 -0.10 -25.57 26.52
C LYS A 202 -1.46 -26.23 26.33
N ASN A 203 -2.34 -26.03 27.30
CA ASN A 203 -3.65 -26.65 27.27
C ASN A 203 -4.58 -26.06 26.22
N CYS A 204 -4.54 -24.74 26.06
CA CYS A 204 -5.33 -24.09 25.03
C CYS A 204 -5.02 -24.68 23.65
N PHE A 205 -3.75 -24.68 23.28
CA PHE A 205 -3.35 -25.20 21.99
C PHE A 205 -3.73 -26.68 21.84
N GLU A 206 -3.58 -27.45 22.91
CA GLU A 206 -3.93 -28.88 22.86
C GLU A 206 -5.39 -29.08 22.47
N ASP A 207 -6.27 -28.39 23.20
CA ASP A 207 -7.71 -28.57 23.03
C ASP A 207 -8.21 -27.95 21.73
N LEU A 208 -7.53 -26.91 21.25
CA LEU A 208 -7.88 -26.26 20.00
C LEU A 208 -7.31 -27.02 18.82
N GLY A 209 -6.56 -28.07 19.11
CA GLY A 209 -5.99 -28.89 18.06
C GLY A 209 -4.86 -28.19 17.32
N ILE A 210 -4.25 -27.18 17.96
CA ILE A 210 -3.09 -26.53 17.38
C ILE A 210 -1.81 -27.24 17.80
N THR A 211 -1.33 -28.14 16.95
CA THR A 211 -0.12 -28.91 17.26
C THR A 211 0.90 -28.75 16.14
N GLU A 212 0.62 -27.84 15.22
CA GLU A 212 1.55 -27.54 14.13
C GLU A 212 1.68 -26.04 13.96
N SER A 213 2.91 -25.55 13.97
CA SER A 213 3.17 -24.12 13.80
C SER A 213 4.65 -23.87 13.50
N LYS A 214 4.98 -23.74 12.23
CA LYS A 214 6.35 -23.52 11.81
C LYS A 214 6.41 -22.44 10.75
N VAL A 215 7.05 -21.32 11.09
CA VAL A 215 7.26 -20.25 10.13
C VAL A 215 8.72 -20.29 9.73
N THR A 216 8.96 -20.39 8.43
CA THR A 216 10.32 -20.44 7.91
C THR A 216 10.58 -19.19 7.10
N MET A 217 11.66 -18.49 7.45
CA MET A 217 12.01 -17.28 6.73
C MET A 217 13.37 -17.40 6.07
N THR A 218 13.42 -16.99 4.80
CA THR A 218 14.65 -16.96 4.01
C THR A 218 14.70 -15.63 3.27
N ASN A 219 15.82 -15.35 2.62
CA ASN A 219 15.98 -14.10 1.91
C ASN A 219 15.59 -12.93 2.82
N VAL A 220 16.19 -12.88 4.00
CA VAL A 220 15.80 -11.89 5.00
C VAL A 220 16.70 -10.67 4.89
N SER A 221 16.09 -9.48 4.95
CA SER A 221 16.90 -8.28 5.07
C SER A 221 16.25 -7.30 6.02
N TYR A 222 17.08 -6.48 6.66
CA TYR A 222 16.57 -5.48 7.59
C TYR A 222 17.45 -4.24 7.51
N THR A 223 16.81 -3.09 7.26
CA THR A 223 17.49 -1.82 7.18
C THR A 223 16.91 -0.94 8.26
N ARG A 224 17.78 -0.20 8.95
CA ARG A 224 17.35 0.67 10.04
C ARG A 224 18.19 1.93 10.03
N GLU A 225 17.51 3.06 10.17
CA GLU A 225 18.16 4.34 10.41
C GLU A 225 17.29 5.09 11.41
N THR A 226 17.93 5.98 12.14
CA THR A 226 17.24 6.86 13.05
C THR A 226 17.50 8.29 12.61
N ASN A 227 16.63 9.21 12.97
CA ASN A 227 16.88 10.62 12.67
C ASN A 227 17.40 11.38 13.89
N THR B 1 13.52 22.53 -8.93
CA THR B 1 13.37 22.55 -10.38
C THR B 1 12.71 21.28 -10.86
N ILE B 2 11.83 21.41 -11.85
CA ILE B 2 11.21 20.25 -12.48
C ILE B 2 12.27 19.41 -13.17
N PRO B 3 12.17 18.08 -13.03
CA PRO B 3 13.13 17.18 -13.69
C PRO B 3 13.24 17.44 -15.19
N SER B 4 14.47 17.41 -15.71
CA SER B 4 14.67 17.70 -17.12
C SER B 4 14.14 16.61 -18.04
N SER B 5 13.97 15.39 -17.52
CA SER B 5 13.41 14.31 -18.34
C SER B 5 12.01 14.71 -18.79
N ILE B 6 11.37 15.55 -17.97
CA ILE B 6 10.07 16.13 -18.30
C ILE B 6 10.22 17.35 -19.20
N THR B 7 11.04 18.32 -18.77
CA THR B 7 11.11 19.61 -19.47
C THR B 7 11.81 19.55 -20.82
N SER B 8 12.78 18.63 -20.97
CA SER B 8 13.55 18.54 -22.22
C SER B 8 12.98 17.48 -23.16
N GLY B 9 12.08 16.66 -22.65
CA GLY B 9 11.51 15.58 -23.44
C GLY B 9 12.38 14.34 -23.53
N SER B 10 13.43 14.26 -22.73
CA SER B 10 14.33 13.12 -22.82
C SER B 10 13.63 11.83 -22.43
N ILE B 11 12.60 11.94 -21.59
CA ILE B 11 11.74 10.80 -21.29
C ILE B 11 10.28 11.03 -21.72
N PHE B 12 9.75 12.20 -21.39
CA PHE B 12 8.32 12.50 -21.60
C PHE B 12 7.99 13.33 -22.84
N ASP B 13 6.96 12.92 -23.57
CA ASP B 13 6.34 13.75 -24.59
C ASP B 13 5.24 14.58 -23.94
N LEU B 14 4.97 15.75 -24.50
CA LEU B 14 3.91 16.61 -24.00
C LEU B 14 2.64 16.42 -24.83
N GLU B 15 1.52 16.21 -24.15
CA GLU B 15 0.21 16.21 -24.79
C GLU B 15 -0.50 17.52 -24.44
N GLY B 16 -0.64 18.40 -25.42
CA GLY B 16 -1.13 19.75 -25.16
C GLY B 16 -0.01 20.77 -25.04
N ASP B 17 0.47 21.27 -26.18
CA ASP B 17 1.59 22.19 -26.22
C ASP B 17 1.25 23.60 -25.79
N ASN B 18 -0.03 23.98 -25.89
CA ASN B 18 -0.46 25.35 -25.58
C ASN B 18 -1.65 25.40 -24.62
N PRO B 19 -1.44 25.98 -23.44
CA PRO B 19 -0.17 26.55 -22.95
C PRO B 19 0.79 25.45 -22.50
N ASN B 20 2.07 25.77 -22.42
CA ASN B 20 3.03 24.82 -21.88
C ASN B 20 2.81 24.67 -20.38
N PRO B 21 2.89 23.43 -19.86
CA PRO B 21 2.71 23.27 -18.42
C PRO B 21 3.81 23.95 -17.60
N LEU B 22 5.00 24.09 -18.17
CA LEU B 22 6.13 24.63 -17.41
C LEU B 22 6.06 26.15 -17.36
N VAL B 23 5.50 26.69 -16.29
CA VAL B 23 5.28 28.15 -16.18
C VAL B 23 6.47 28.87 -15.52
N ASP B 24 7.27 28.12 -14.77
CA ASP B 24 8.60 28.57 -14.35
C ASP B 24 9.43 27.30 -14.12
N ASP B 25 10.69 27.45 -13.72
CA ASP B 25 11.58 26.29 -13.68
C ASP B 25 11.21 25.24 -12.63
N SER B 26 10.27 25.59 -11.75
CA SER B 26 9.92 24.75 -10.62
C SER B 26 8.44 24.41 -10.52
N THR B 27 7.67 24.68 -11.57
CA THR B 27 6.21 24.61 -11.50
C THR B 27 5.56 24.10 -12.79
N LEU B 28 4.69 23.11 -12.66
CA LEU B 28 3.92 22.59 -13.78
C LEU B 28 2.45 22.91 -13.56
N VAL B 29 1.81 23.45 -14.59
CA VAL B 29 0.41 23.82 -14.48
C VAL B 29 -0.36 23.13 -15.60
N PHE B 30 -1.30 22.29 -15.20
CA PHE B 30 -2.06 21.49 -16.16
C PHE B 30 -3.50 22.01 -16.24
N VAL B 31 -3.86 22.52 -17.42
CA VAL B 31 -5.15 23.18 -17.63
C VAL B 31 -5.83 22.68 -18.92
N PRO B 32 -6.50 21.52 -18.84
CA PRO B 32 -7.10 20.87 -19.99
C PRO B 32 -8.23 21.69 -20.64
N LEU B 33 -8.85 22.58 -19.88
CA LEU B 33 -9.88 23.45 -20.44
C LEU B 33 -9.26 24.42 -21.44
N GLU B 34 -7.95 24.61 -21.34
CA GLU B 34 -7.24 25.45 -22.29
C GLU B 34 -6.48 24.63 -23.32
N ALA B 35 -5.82 23.56 -22.88
CA ALA B 35 -5.04 22.72 -23.80
C ALA B 35 -5.95 21.91 -24.72
N GLN B 36 -7.04 21.40 -24.17
CA GLN B 36 -8.08 20.73 -24.95
C GLN B 36 -7.58 19.57 -25.82
N HIS B 37 -6.62 18.81 -25.30
CA HIS B 37 -6.06 17.71 -26.08
C HIS B 37 -6.93 16.46 -25.97
N ILE B 38 -7.17 15.81 -27.10
CA ILE B 38 -7.94 14.57 -27.10
C ILE B 38 -7.10 13.42 -27.65
N THR B 39 -7.45 12.20 -27.27
CA THR B 39 -6.84 10.99 -27.81
C THR B 39 -7.93 10.11 -28.43
N PRO B 40 -7.55 9.02 -29.12
CA PRO B 40 -8.56 8.25 -29.86
C PRO B 40 -9.78 7.78 -29.05
N ASN B 41 -9.60 7.20 -27.86
CA ASN B 41 -10.75 6.69 -27.11
C ASN B 41 -11.08 7.42 -25.81
N GLY B 42 -10.49 8.57 -25.56
CA GLY B 42 -10.78 9.27 -24.32
C GLY B 42 -12.18 9.87 -24.28
N ASN B 43 -12.77 9.95 -23.08
CA ASN B 43 -13.90 10.85 -22.87
C ASN B 43 -13.49 12.01 -21.97
N GLY B 44 -12.84 13.00 -22.57
CA GLY B 44 -12.47 14.20 -21.85
C GLY B 44 -11.36 14.98 -22.52
N TRP B 45 -10.90 16.03 -21.85
CA TRP B 45 -9.81 16.84 -22.34
C TRP B 45 -8.58 16.60 -21.49
N ARG B 46 -7.40 16.67 -22.10
CA ARG B 46 -6.22 16.41 -21.31
C ARG B 46 -5.09 17.40 -21.51
N HIS B 47 -4.26 17.49 -20.47
CA HIS B 47 -3.03 18.23 -20.51
C HIS B 47 -2.09 17.40 -19.66
N GLU B 48 -1.13 16.73 -20.29
CA GLU B 48 -0.34 15.76 -19.55
C GLU B 48 0.95 15.39 -20.27
N TYR B 49 1.86 14.76 -19.54
CA TYR B 49 3.10 14.24 -20.12
C TYR B 49 2.97 12.72 -20.19
N LYS B 50 3.68 12.11 -21.14
CA LYS B 50 3.69 10.66 -21.26
C LYS B 50 5.09 10.15 -21.59
N VAL B 51 5.46 9.02 -21.00
CA VAL B 51 6.73 8.38 -21.37
C VAL B 51 6.67 8.05 -22.85
N LYS B 52 7.71 8.47 -23.58
CA LYS B 52 7.73 8.35 -25.03
C LYS B 52 7.85 6.90 -25.50
N GLU B 53 7.33 6.67 -26.70
CA GLU B 53 7.18 5.33 -27.25
C GLU B 53 8.47 4.51 -27.21
N SER B 54 9.58 5.13 -27.58
CA SER B 54 10.86 4.42 -27.69
C SER B 54 11.42 3.88 -26.37
N LEU B 55 10.92 4.36 -25.23
CA LEU B 55 11.43 3.89 -23.94
C LEU B 55 10.53 2.83 -23.28
N ARG B 56 9.37 2.58 -23.88
CA ARG B 56 8.33 1.76 -23.23
C ARG B 56 8.71 0.29 -23.15
N VAL B 57 8.55 -0.28 -21.97
CA VAL B 57 8.78 -1.71 -21.76
C VAL B 57 7.64 -2.25 -20.89
N ALA B 58 7.75 -3.51 -20.46
CA ALA B 58 6.69 -4.11 -19.65
C ALA B 58 6.67 -3.49 -18.27
N MET B 59 5.51 -3.53 -17.60
CA MET B 59 5.43 -3.07 -16.22
C MET B 59 6.44 -3.81 -15.36
N THR B 60 6.66 -5.09 -15.65
CA THR B 60 7.58 -5.90 -14.87
C THR B 60 9.04 -5.67 -15.22
N GLN B 61 9.29 -4.80 -16.19
CA GLN B 61 10.67 -4.54 -16.61
C GLN B 61 11.16 -3.17 -16.17
N THR B 62 10.39 -2.52 -15.31
CA THR B 62 10.82 -1.21 -14.85
C THR B 62 10.62 -1.05 -13.35
N TYR B 63 11.56 -0.36 -12.72
CA TYR B 63 11.34 0.20 -11.40
C TYR B 63 11.21 1.70 -11.60
N GLU B 64 10.06 2.26 -11.27
CA GLU B 64 9.86 3.68 -11.48
C GLU B 64 9.17 4.33 -10.29
N VAL B 65 9.59 5.56 -9.99
CA VAL B 65 9.03 6.30 -8.87
C VAL B 65 8.67 7.72 -9.30
N PHE B 66 7.41 8.11 -9.09
CA PHE B 66 6.99 9.47 -9.40
C PHE B 66 6.50 10.12 -8.11
N GLU B 67 6.95 11.34 -7.85
CA GLU B 67 6.50 12.07 -6.67
C GLU B 67 6.21 13.51 -7.03
N ALA B 68 5.18 14.08 -6.41
CA ALA B 68 4.85 15.47 -6.65
C ALA B 68 4.04 16.03 -5.51
N THR B 69 4.18 17.33 -5.29
CA THR B 69 3.26 18.06 -4.44
C THR B 69 2.16 18.55 -5.38
N VAL B 70 0.93 18.18 -5.09
CA VAL B 70 -0.17 18.41 -6.01
C VAL B 70 -1.23 19.35 -5.45
N LYS B 71 -1.44 20.46 -6.14
CA LYS B 71 -2.53 21.36 -5.80
C LYS B 71 -3.64 21.22 -6.84
N VAL B 72 -4.89 21.19 -6.39
CA VAL B 72 -6.02 21.04 -7.32
C VAL B 72 -7.05 22.15 -7.10
N GLU B 73 -7.31 22.90 -8.15
CA GLU B 73 -8.36 23.90 -8.14
C GLU B 73 -9.34 23.54 -9.24
N MET B 74 -10.57 23.23 -8.86
CA MET B 74 -11.52 22.71 -9.83
C MET B 74 -12.93 22.99 -9.35
N SER B 75 -13.83 23.21 -10.31
CA SER B 75 -15.24 23.42 -10.04
C SER B 75 -15.89 22.20 -9.36
N ASP B 76 -16.95 22.46 -8.59
CA ASP B 76 -17.76 21.39 -8.01
C ASP B 76 -18.20 20.42 -9.12
N GLY B 77 -18.17 19.13 -8.83
CA GLY B 77 -18.61 18.12 -9.77
C GLY B 77 -17.52 17.64 -10.71
N GLY B 78 -16.36 18.30 -10.65
CA GLY B 78 -15.25 17.97 -11.52
C GLY B 78 -14.59 16.65 -11.17
N LYS B 79 -14.02 16.00 -12.18
CA LYS B 79 -13.35 14.72 -11.97
C LYS B 79 -12.15 14.60 -12.90
N THR B 80 -10.96 14.41 -12.34
CA THR B 80 -9.77 14.29 -13.16
C THR B 80 -8.90 13.10 -12.78
N ILE B 81 -8.15 12.61 -13.76
CA ILE B 81 -7.09 11.63 -13.52
C ILE B 81 -5.75 12.36 -13.59
N ILE B 82 -4.97 12.33 -12.51
CA ILE B 82 -3.71 13.08 -12.44
C ILE B 82 -2.45 12.24 -12.63
N SER B 83 -2.60 10.92 -12.58
CA SER B 83 -1.51 9.99 -12.86
C SER B 83 -2.10 8.67 -13.34
N GLN B 84 -1.38 7.99 -14.21
CA GLN B 84 -1.84 6.71 -14.74
C GLN B 84 -0.73 5.95 -15.46
N HIS B 85 -0.76 4.63 -15.33
CA HIS B 85 -0.02 3.79 -16.25
C HIS B 85 -0.96 3.36 -17.35
N HIS B 86 -0.53 3.59 -18.58
CA HIS B 86 -1.34 3.32 -19.77
C HIS B 86 -0.84 2.04 -20.44
N ALA B 87 -1.77 1.25 -20.97
CA ALA B 87 -1.43 0.03 -21.70
C ALA B 87 -1.05 0.34 -23.14
N SER B 88 -0.65 -0.69 -23.88
CA SER B 88 -0.24 -0.57 -25.27
C SER B 88 -1.30 0.05 -26.15
N ASP B 89 -2.55 -0.31 -25.89
CA ASP B 89 -3.64 0.10 -26.75
C ASP B 89 -4.41 1.25 -26.16
N THR B 90 -5.72 1.05 -26.03
CA THR B 90 -6.66 2.08 -25.60
C THR B 90 -6.81 2.26 -24.08
N GLY B 91 -6.51 1.21 -23.33
CA GLY B 91 -6.87 1.16 -21.92
C GLY B 91 -5.79 1.53 -20.90
N THR B 92 -6.13 1.42 -19.63
CA THR B 92 -5.21 1.78 -18.56
C THR B 92 -4.89 0.62 -17.62
N ILE B 93 -3.84 0.81 -16.82
CA ILE B 93 -3.40 -0.18 -15.86
C ILE B 93 -3.50 0.37 -14.43
N SER B 94 -3.22 1.65 -14.29
CA SER B 94 -3.35 2.35 -13.01
C SER B 94 -3.85 3.77 -13.24
N LYS B 95 -4.62 4.28 -12.29
CA LYS B 95 -5.21 5.62 -12.40
C LYS B 95 -5.39 6.25 -11.03
N VAL B 96 -4.90 7.48 -10.87
CA VAL B 96 -5.13 8.24 -9.66
C VAL B 96 -6.09 9.39 -9.95
N TYR B 97 -7.19 9.43 -9.18
CA TYR B 97 -8.31 10.32 -9.45
C TYR B 97 -8.45 11.40 -8.38
N VAL B 98 -8.93 12.56 -8.80
CA VAL B 98 -9.43 13.59 -7.89
C VAL B 98 -10.84 13.90 -8.39
N SER B 99 -11.85 13.57 -7.59
CA SER B 99 -13.18 13.33 -8.12
C SER B 99 -14.29 13.81 -7.19
N ASP B 100 -15.27 14.54 -7.73
CA ASP B 100 -16.39 15.05 -6.95
C ASP B 100 -17.72 14.42 -7.40
N THR B 101 -17.79 13.09 -7.38
CA THR B 101 -18.97 12.38 -7.85
C THR B 101 -19.66 11.62 -6.73
N ASP B 102 -20.77 10.96 -7.05
CA ASP B 102 -21.42 10.10 -6.06
C ASP B 102 -21.13 8.62 -6.29
N GLU B 103 -20.04 8.32 -7.00
CA GLU B 103 -19.59 6.94 -7.06
C GLU B 103 -19.35 6.47 -5.63
N SER B 104 -19.93 5.34 -5.28
CA SER B 104 -19.86 4.90 -3.88
C SER B 104 -18.53 4.22 -3.57
N GLY B 105 -18.19 4.16 -2.28
CA GLY B 105 -17.02 3.43 -1.84
C GLY B 105 -15.85 4.30 -1.40
N PHE B 106 -16.01 5.61 -1.42
CA PHE B 106 -14.91 6.49 -1.03
C PHE B 106 -15.25 7.18 0.29
N ASN B 107 -14.33 8.02 0.80
CA ASN B 107 -14.57 8.73 2.06
C ASN B 107 -15.73 9.72 1.98
N ASP B 108 -15.87 10.38 0.83
CA ASP B 108 -16.96 11.33 0.65
C ASP B 108 -18.10 10.76 -0.18
N SER B 109 -17.83 10.53 -1.47
CA SER B 109 -18.79 9.88 -2.36
C SER B 109 -20.11 10.65 -2.47
N VAL B 110 -20.05 11.96 -2.26
CA VAL B 110 -21.22 12.83 -2.42
C VAL B 110 -21.02 13.71 -3.66
N ALA B 111 -21.91 13.61 -4.64
CA ALA B 111 -21.74 14.37 -5.87
C ALA B 111 -21.79 15.88 -5.63
N ASN B 112 -20.90 16.62 -6.27
CA ASN B 112 -21.10 18.05 -6.44
C ASN B 112 -21.10 18.86 -5.14
N ASN B 113 -20.38 18.41 -4.11
CA ASN B 113 -20.33 19.16 -2.86
C ASN B 113 -18.98 19.84 -2.62
N GLY B 114 -18.12 19.85 -3.63
CA GLY B 114 -16.84 20.52 -3.53
C GLY B 114 -15.82 19.79 -2.68
N ILE B 115 -16.20 18.61 -2.18
CA ILE B 115 -15.25 17.77 -1.48
C ILE B 115 -14.80 16.67 -2.44
N PHE B 116 -13.55 16.73 -2.87
CA PHE B 116 -13.04 15.76 -3.85
C PHE B 116 -12.50 14.48 -3.18
N ASP B 117 -12.96 13.34 -3.66
CA ASP B 117 -12.35 12.06 -3.27
C ASP B 117 -11.05 11.90 -4.04
N VAL B 118 -9.99 11.56 -3.33
CA VAL B 118 -8.75 11.17 -3.97
C VAL B 118 -8.61 9.66 -3.84
N TYR B 119 -8.67 8.95 -4.95
CA TYR B 119 -8.64 7.49 -4.90
C TYR B 119 -7.86 6.91 -6.07
N VAL B 120 -7.62 5.61 -6.00
CA VAL B 120 -6.82 4.95 -7.01
C VAL B 120 -7.57 3.74 -7.53
N ARG B 121 -7.45 3.49 -8.83
CA ARG B 121 -7.91 2.25 -9.43
C ARG B 121 -6.69 1.55 -9.97
N LEU B 122 -6.53 0.29 -9.60
CA LEU B 122 -5.43 -0.50 -10.12
C LEU B 122 -6.00 -1.73 -10.79
N ARG B 123 -5.50 -2.05 -11.97
CA ARG B 123 -6.00 -3.18 -12.72
C ARG B 123 -5.15 -4.40 -12.43
N ASN B 124 -5.78 -5.44 -11.89
CA ASN B 124 -5.05 -6.61 -11.43
C ASN B 124 -4.59 -7.46 -12.59
N THR B 125 -3.84 -8.53 -12.30
CA THR B 125 -3.22 -9.33 -13.35
C THR B 125 -4.27 -10.06 -14.19
N SER B 126 -5.49 -10.15 -13.66
CA SER B 126 -6.62 -10.73 -14.37
C SER B 126 -7.37 -9.73 -15.24
N GLY B 127 -6.94 -8.47 -15.20
CA GLY B 127 -7.52 -7.46 -16.06
C GLY B 127 -8.68 -6.67 -15.45
N ASN B 128 -8.98 -6.90 -14.18
CA ASN B 128 -10.07 -6.17 -13.54
C ASN B 128 -9.58 -5.18 -12.49
N GLU B 129 -10.29 -4.07 -12.34
CA GLU B 129 -9.87 -2.99 -11.45
C GLU B 129 -10.25 -3.22 -10.00
N GLU B 130 -9.37 -2.79 -9.10
CA GLU B 130 -9.67 -2.73 -7.68
C GLU B 130 -9.46 -1.26 -7.27
N LYS B 131 -10.33 -0.74 -6.42
CA LYS B 131 -10.27 0.69 -6.10
C LYS B 131 -10.08 0.91 -4.61
N PHE B 132 -9.50 2.05 -4.25
CA PHE B 132 -9.23 2.35 -2.86
C PHE B 132 -9.13 3.86 -2.63
N ALA B 133 -9.90 4.36 -1.67
CA ALA B 133 -9.86 5.77 -1.30
C ALA B 133 -8.58 6.10 -0.52
N LEU B 134 -7.91 7.19 -0.90
CA LEU B 134 -6.72 7.61 -0.16
C LEU B 134 -6.98 8.81 0.76
N GLY B 135 -7.91 9.67 0.36
CA GLY B 135 -8.24 10.84 1.17
C GLY B 135 -9.26 11.73 0.48
N THR B 136 -9.41 12.94 1.00
CA THR B 136 -10.31 13.95 0.43
C THR B 136 -9.62 15.32 0.44
N MET B 137 -10.11 16.24 -0.38
CA MET B 137 -9.58 17.59 -0.40
C MET B 137 -10.61 18.52 -1.00
N THR B 138 -10.46 19.81 -0.72
CA THR B 138 -11.30 20.82 -1.37
C THR B 138 -10.44 21.63 -2.33
N SER B 139 -11.10 22.36 -3.22
CA SER B 139 -10.40 23.15 -4.23
C SER B 139 -9.42 24.11 -3.59
N GLY B 140 -8.21 24.19 -4.14
CA GLY B 140 -7.20 25.06 -3.58
C GLY B 140 -6.24 24.36 -2.64
N GLU B 141 -6.61 23.19 -2.14
CA GLU B 141 -5.76 22.43 -1.22
C GLU B 141 -4.64 21.67 -1.93
N THR B 142 -3.65 21.25 -1.14
CA THR B 142 -2.46 20.60 -1.65
C THR B 142 -2.20 19.31 -0.89
N PHE B 143 -1.74 18.27 -1.60
CA PHE B 143 -1.31 17.03 -0.95
C PHE B 143 -0.10 16.46 -1.66
N ASN B 144 0.56 15.51 -1.02
CA ASN B 144 1.74 14.88 -1.59
C ASN B 144 1.42 13.52 -2.19
N LEU B 145 1.90 13.30 -3.41
CA LEU B 145 1.61 12.07 -4.14
C LEU B 145 2.88 11.30 -4.45
N ARG B 146 2.81 9.98 -4.30
CA ARG B 146 3.91 9.11 -4.70
C ARG B 146 3.33 7.93 -5.44
N VAL B 147 3.90 7.64 -6.60
CA VAL B 147 3.49 6.47 -7.36
C VAL B 147 4.71 5.64 -7.66
N VAL B 148 4.68 4.39 -7.22
CA VAL B 148 5.79 3.47 -7.46
C VAL B 148 5.33 2.27 -8.27
N ASN B 149 6.04 1.99 -9.36
CA ASN B 149 5.91 0.72 -10.05
C ASN B 149 7.14 -0.10 -9.73
N ASN B 150 7.00 -1.05 -8.81
CA ASN B 150 8.10 -1.92 -8.41
C ASN B 150 8.07 -3.22 -9.22
N TYR B 151 8.56 -3.13 -10.46
CA TYR B 151 8.53 -4.25 -11.40
C TYR B 151 7.16 -4.94 -11.46
N GLY B 152 6.10 -4.14 -11.60
CA GLY B 152 4.76 -4.68 -11.79
C GLY B 152 3.89 -4.63 -10.54
N ASP B 153 4.52 -4.45 -9.38
CA ASP B 153 3.79 -4.15 -8.15
C ASP B 153 3.63 -2.64 -8.04
N VAL B 154 2.41 -2.17 -8.24
CA VAL B 154 2.17 -0.74 -8.25
C VAL B 154 1.60 -0.32 -6.92
N GLU B 155 2.16 0.73 -6.36
CA GLU B 155 1.71 1.24 -5.07
C GLU B 155 1.56 2.76 -5.13
N VAL B 156 0.45 3.27 -4.60
CA VAL B 156 0.19 4.69 -4.59
C VAL B 156 0.07 5.18 -3.14
N THR B 157 0.71 6.31 -2.86
CA THR B 157 0.62 6.92 -1.55
C THR B 157 0.14 8.36 -1.64
N ALA B 158 -0.83 8.70 -0.82
CA ALA B 158 -1.32 10.08 -0.72
C ALA B 158 -1.88 10.28 0.69
N PHE B 159 -1.69 11.47 1.24
CA PHE B 159 -2.11 11.74 2.62
C PHE B 159 -1.44 10.76 3.60
N GLY B 160 -0.34 10.17 3.19
CA GLY B 160 0.35 9.18 4.02
C GLY B 160 -0.31 7.80 3.97
N ASN B 161 -1.38 7.69 3.18
CA ASN B 161 -2.08 6.41 3.01
C ASN B 161 -1.63 5.71 1.74
N SER B 162 -1.38 4.41 1.84
CA SER B 162 -0.86 3.63 0.72
C SER B 162 -1.79 2.47 0.34
N PHE B 163 -1.78 2.14 -0.94
CA PHE B 163 -2.53 1.01 -1.48
C PHE B 163 -1.76 0.57 -2.71
N GLY B 164 -1.67 -0.74 -2.91
CA GLY B 164 -0.95 -1.27 -4.04
C GLY B 164 -1.28 -2.73 -4.28
N ILE B 165 -1.16 -3.14 -5.55
CA ILE B 165 -1.37 -4.53 -5.95
C ILE B 165 -0.46 -4.82 -7.14
N PRO B 166 -0.27 -6.11 -7.45
CA PRO B 166 0.41 -6.37 -8.73
C PRO B 166 -0.57 -6.11 -9.87
N VAL B 167 -0.10 -5.49 -10.94
CA VAL B 167 -0.97 -5.08 -12.03
C VAL B 167 -0.77 -5.85 -13.33
N GLU B 168 -1.75 -5.74 -14.20
CA GLU B 168 -1.70 -6.31 -15.54
C GLU B 168 -0.40 -5.90 -16.22
N ASP B 169 0.33 -6.87 -16.76
CA ASP B 169 1.68 -6.62 -17.27
C ASP B 169 1.74 -6.45 -18.78
N ASP B 170 1.35 -5.27 -19.25
CA ASP B 170 1.40 -4.92 -20.68
C ASP B 170 2.84 -4.66 -21.09
N SER B 171 3.23 -5.21 -22.24
CA SER B 171 4.63 -5.16 -22.70
C SER B 171 5.13 -3.79 -23.18
N GLN B 172 4.21 -2.86 -23.44
CA GLN B 172 4.59 -1.52 -23.88
C GLN B 172 3.86 -0.47 -23.05
N SER B 173 3.92 -0.63 -21.74
CA SER B 173 3.21 0.23 -20.82
C SER B 173 3.90 1.59 -20.73
N TYR B 174 3.17 2.60 -20.27
CA TYR B 174 3.77 3.93 -20.12
C TYR B 174 3.03 4.81 -19.12
N PHE B 175 3.83 5.46 -18.27
CA PHE B 175 3.32 6.36 -17.25
C PHE B 175 2.91 7.69 -17.88
N LYS B 176 1.82 8.28 -17.37
CA LYS B 176 1.38 9.61 -17.76
C LYS B 176 1.04 10.35 -16.48
N PHE B 177 1.15 11.68 -16.52
CA PHE B 177 0.69 12.49 -15.40
C PHE B 177 0.27 13.88 -15.88
N GLY B 178 -0.56 14.54 -15.08
CA GLY B 178 -1.07 15.85 -15.45
C GLY B 178 -2.50 16.03 -15.00
N ASN B 179 -3.37 16.37 -15.94
CA ASN B 179 -4.77 16.63 -15.66
C ASN B 179 -5.59 16.11 -16.84
N TYR B 180 -6.16 14.93 -16.67
CA TYR B 180 -7.03 14.34 -17.70
C TYR B 180 -8.47 14.48 -17.20
N LEU B 181 -9.11 15.58 -17.60
CA LEU B 181 -10.43 15.94 -17.11
C LEU B 181 -11.52 15.08 -17.77
N GLN B 182 -12.30 14.40 -16.94
CA GLN B 182 -13.27 13.41 -17.40
C GLN B 182 -14.60 14.07 -17.78
N SER B 183 -15.05 13.84 -19.00
CA SER B 183 -16.38 14.32 -19.40
C SER B 183 -17.43 13.32 -18.93
N GLN B 184 -17.90 13.51 -17.70
CA GLN B 184 -18.77 12.55 -17.07
C GLN B 184 -19.69 13.26 -16.10
N ASP B 185 -20.96 12.86 -16.08
CA ASP B 185 -21.90 13.45 -15.15
C ASP B 185 -21.65 12.97 -13.72
N PRO B 186 -21.48 13.91 -12.78
CA PRO B 186 -21.11 13.50 -11.41
C PRO B 186 -22.20 12.77 -10.62
N TYR B 187 -23.45 12.88 -11.06
CA TYR B 187 -24.56 12.17 -10.42
C TYR B 187 -24.79 10.80 -11.03
N THR B 188 -25.09 10.76 -12.31
CA THR B 188 -25.44 9.50 -12.96
C THR B 188 -24.21 8.67 -13.26
N LEU B 189 -23.07 9.35 -13.38
CA LEU B 189 -21.81 8.70 -13.75
C LEU B 189 -21.78 8.31 -15.24
N ASP B 190 -22.80 8.74 -15.98
CA ASP B 190 -22.82 8.56 -17.44
C ASP B 190 -21.70 9.36 -18.07
N LYS B 191 -20.99 8.75 -19.01
CA LYS B 191 -20.04 9.49 -19.85
C LYS B 191 -20.81 10.48 -20.69
N CYS B 192 -20.21 11.64 -20.94
CA CYS B 192 -20.83 12.70 -21.71
C CYS B 192 -19.94 12.99 -22.92
N GLY B 193 -20.56 13.36 -24.04
CA GLY B 193 -19.83 13.59 -25.28
C GLY B 193 -19.46 12.29 -25.99
N GLU B 194 -18.65 12.41 -27.03
CA GLU B 194 -18.23 11.23 -27.79
C GLU B 194 -16.74 11.27 -28.06
N ALA B 195 -16.09 10.13 -27.91
CA ALA B 195 -14.66 10.04 -28.15
C ALA B 195 -14.37 10.56 -29.55
N GLY B 196 -13.26 11.28 -29.70
CA GLY B 196 -12.91 11.84 -31.00
C GLY B 196 -13.58 13.17 -31.31
N ASN B 197 -14.54 13.57 -30.48
CA ASN B 197 -15.30 14.79 -30.74
C ASN B 197 -15.00 15.85 -29.67
N SER B 198 -14.02 16.70 -29.96
CA SER B 198 -13.54 17.63 -28.96
C SER B 198 -14.63 18.65 -28.56
N ASN B 199 -15.43 19.06 -29.52
CA ASN B 199 -16.48 20.03 -29.24
C ASN B 199 -17.55 19.46 -28.30
N SER B 200 -17.74 18.15 -28.35
CA SER B 200 -18.71 17.53 -27.46
C SER B 200 -18.23 17.62 -26.00
N PHE B 201 -16.93 17.52 -25.80
CA PHE B 201 -16.39 17.64 -24.44
C PHE B 201 -16.50 19.09 -23.98
N LYS B 202 -16.26 20.03 -24.89
CA LYS B 202 -16.49 21.44 -24.60
C LYS B 202 -17.93 21.64 -24.11
N ASN B 203 -18.86 21.06 -24.84
CA ASN B 203 -20.28 21.15 -24.50
C ASN B 203 -20.59 20.58 -23.12
N CYS B 204 -20.01 19.41 -22.83
CA CYS B 204 -20.22 18.75 -21.55
C CYS B 204 -19.73 19.59 -20.36
N PHE B 205 -18.48 20.02 -20.41
CA PHE B 205 -17.92 20.83 -19.33
C PHE B 205 -18.70 22.12 -19.14
N GLU B 206 -19.14 22.68 -20.27
CA GLU B 206 -19.94 23.88 -20.28
C GLU B 206 -21.26 23.65 -19.54
N ASP B 207 -21.97 22.60 -19.92
CA ASP B 207 -23.25 22.28 -19.31
C ASP B 207 -23.08 21.88 -17.84
N LEU B 208 -21.98 21.20 -17.53
CA LEU B 208 -21.74 20.74 -16.17
C LEU B 208 -21.28 21.88 -15.27
N GLY B 209 -20.94 23.01 -15.87
CA GLY B 209 -20.41 24.13 -15.10
C GLY B 209 -18.99 23.88 -14.59
N ILE B 210 -18.25 23.03 -15.28
CA ILE B 210 -16.84 22.86 -14.99
C ILE B 210 -16.05 23.93 -15.73
N THR B 211 -15.80 25.05 -15.06
CA THR B 211 -15.15 26.20 -15.71
C THR B 211 -13.74 26.40 -15.17
N GLU B 212 -13.40 25.60 -14.17
CA GLU B 212 -12.07 25.65 -13.54
C GLU B 212 -11.55 24.24 -13.35
N SER B 213 -10.33 24.00 -13.79
CA SER B 213 -9.66 22.72 -13.53
C SER B 213 -8.16 22.89 -13.73
N LYS B 214 -7.47 23.26 -12.67
CA LYS B 214 -6.05 23.52 -12.74
C LYS B 214 -5.34 22.63 -11.73
N VAL B 215 -4.47 21.78 -12.23
CA VAL B 215 -3.65 20.92 -11.39
C VAL B 215 -2.23 21.47 -11.37
N THR B 216 -1.76 21.90 -10.20
CA THR B 216 -0.42 22.47 -10.10
C THR B 216 0.54 21.51 -9.42
N MET B 217 1.64 21.20 -10.10
CA MET B 217 2.63 20.29 -9.54
C MET B 217 3.98 20.96 -9.23
N THR B 218 4.47 20.76 -8.02
CA THR B 218 5.78 21.21 -7.60
C THR B 218 6.50 20.07 -6.87
N ASN B 219 7.77 20.29 -6.49
CA ASN B 219 8.56 19.25 -5.83
C ASN B 219 8.40 17.92 -6.55
N VAL B 220 8.48 17.97 -7.88
CA VAL B 220 8.29 16.81 -8.73
C VAL B 220 9.59 16.00 -8.87
N SER B 221 9.50 14.67 -8.81
CA SER B 221 10.65 13.85 -9.18
C SER B 221 10.21 12.60 -9.91
N TYR B 222 11.09 12.11 -10.78
CA TYR B 222 10.79 10.90 -11.51
C TYR B 222 12.08 10.10 -11.70
N THR B 223 12.06 8.85 -11.27
CA THR B 223 13.20 7.97 -11.52
C THR B 223 12.71 6.71 -12.22
N ARG B 224 13.54 6.22 -13.12
CA ARG B 224 13.18 5.13 -14.00
C ARG B 224 14.39 4.23 -14.23
N GLU B 225 14.26 2.97 -13.81
CA GLU B 225 15.28 1.98 -14.09
C GLU B 225 14.69 0.83 -14.88
N THR B 226 15.24 0.60 -16.06
CA THR B 226 14.82 -0.49 -16.91
C THR B 226 15.80 -1.64 -16.80
N ASN B 227 15.27 -2.86 -16.76
CA ASN B 227 16.09 -4.04 -17.01
C ASN B 227 15.24 -5.18 -17.54
#